data_9GW8
#
_entry.id   9GW8
#
_cell.length_a   93.745
_cell.length_b   61.166
_cell.length_c   118.901
_cell.angle_alpha   90.000
_cell.angle_beta   101.890
_cell.angle_gamma   90.000
#
_symmetry.space_group_name_H-M   'C 1 2 1'
#
loop_
_entity.id
_entity.type
_entity.pdbx_description
1 polymer 'Peroxisome proliferator-activated receptor gamma'
2 non-polymer '3-(1,3-benzodioxol-4-ylmethoxy)-4-[5-chloranyl-1-[2-chloranyl-6-(trifluoromethyl)phenyl]carbonyl-indazol-3-yl]benzoic acid'
3 water water
#
_entity_poly.entity_id   1
_entity_poly.type   'polypeptide(L)'
_entity_poly.pdbx_seq_one_letter_code
;GSHMESADLRALAKHLYDSYIKSFPLTKAKARAILTGKTTDKSPFVIYDMNSLMMGEDKIKFKHITPLQEQSKEVAIRIF
QGCQFRSVEAVQEITEYAKSIPGFVNLDLNDQVTLLKYGVHEIIYTMLASLMNKDGVLISEGQGFMTREFLKSLRKPFGD
FMEPKFEFAVKFNALELDDSDLAIFIAVIILSGDRPGLLNVKPIEDIQDNLLQALELQLKLNHPESSQLFAKLLQKMTDL
RQIVTEHVQLLQVIKKTETDMSLHPLLQEIYKDLY
;
_entity_poly.pdbx_strand_id   A,B
#
loop_
_chem_comp.id
_chem_comp.type
_chem_comp.name
_chem_comp.formula
A1IRG non-polymer '3-(1,3-benzodioxol-4-ylmethoxy)-4-[5-chloranyl-1-[2-chloranyl-6-(trifluoromethyl)phenyl]carbonyl-indazol-3-yl]benzoic acid' 'C30 H17 Cl2 F3 N2 O6'
#
# COMPACT_ATOMS: atom_id res chain seq x y z
N MET A 4 22.48 6.99 -12.13
CA MET A 4 23.14 5.68 -12.09
C MET A 4 24.65 5.81 -11.91
N GLU A 5 25.06 6.78 -11.08
CA GLU A 5 26.46 7.00 -10.76
C GLU A 5 26.53 7.44 -9.30
N SER A 6 27.30 6.72 -8.49
CA SER A 6 27.38 7.00 -7.05
C SER A 6 27.56 8.49 -6.76
N ALA A 7 28.61 9.11 -7.30
CA ALA A 7 28.87 10.52 -6.97
C ALA A 7 27.71 11.41 -7.37
N ASP A 8 27.01 11.08 -8.45
CA ASP A 8 25.85 11.86 -8.86
C ASP A 8 24.66 11.61 -7.93
N LEU A 9 24.54 10.38 -7.43
CA LEU A 9 23.51 10.05 -6.45
C LEU A 9 23.77 10.75 -5.12
N ARG A 10 25.02 10.79 -4.70
CA ARG A 10 25.38 11.57 -3.52
C ARG A 10 25.11 13.04 -3.74
N ALA A 11 25.41 13.55 -4.93
CA ALA A 11 25.14 14.95 -5.24
C ALA A 11 23.66 15.26 -5.15
N LEU A 12 22.82 14.34 -5.65
CA LEU A 12 21.38 14.56 -5.60
C LEU A 12 20.86 14.53 -4.15
N ALA A 13 21.40 13.64 -3.32
CA ALA A 13 21.00 13.61 -1.92
C ALA A 13 21.34 14.92 -1.23
N LYS A 14 22.57 15.40 -1.41
CA LYS A 14 22.97 16.68 -0.83
C LYS A 14 22.08 17.81 -1.34
N HIS A 15 21.76 17.81 -2.64
CA HIS A 15 20.88 18.84 -3.19
C HIS A 15 19.52 18.83 -2.52
N LEU A 16 18.93 17.65 -2.37
CA LEU A 16 17.59 17.59 -1.83
C LEU A 16 17.57 17.89 -0.33
N TYR A 17 18.58 17.41 0.41
CA TYR A 17 18.69 17.77 1.84
C TYR A 17 18.78 19.27 2.01
N ASP A 18 19.72 19.91 1.29
CA ASP A 18 19.93 21.35 1.38
C ASP A 18 18.67 22.14 1.09
N SER A 19 17.92 21.71 0.08
CA SER A 19 16.69 22.40 -0.28
C SER A 19 15.60 22.15 0.75
N TYR A 20 15.58 20.94 1.31
CA TYR A 20 14.65 20.59 2.37
C TYR A 20 14.82 21.49 3.60
N ILE A 21 16.09 21.75 4.00
CA ILE A 21 16.36 22.69 5.08
C ILE A 21 15.84 24.08 4.73
N LYS A 22 15.99 24.47 3.46
CA LYS A 22 15.57 25.81 3.10
C LYS A 22 14.05 25.95 3.11
N SER A 23 13.33 24.86 2.86
CA SER A 23 11.88 24.91 2.65
C SER A 23 11.06 24.70 3.89
N PHE A 24 11.58 23.98 4.89
CA PHE A 24 10.78 23.59 6.04
C PHE A 24 11.33 24.27 7.29
N PRO A 25 10.50 25.00 8.04
CA PRO A 25 11.03 25.79 9.17
C PRO A 25 11.56 24.94 10.31
N LEU A 26 10.87 23.86 10.61
CA LEU A 26 11.15 23.06 11.78
C LEU A 26 11.57 21.67 11.32
N THR A 27 12.86 21.38 11.39
CA THR A 27 13.38 20.08 10.98
C THR A 27 13.17 19.03 12.07
N LYS A 28 13.36 17.78 11.68
CA LYS A 28 13.28 16.71 12.68
C LYS A 28 14.39 16.83 13.70
N ALA A 29 15.61 17.17 13.26
CA ALA A 29 16.70 17.40 14.20
C ALA A 29 16.32 18.45 15.25
N LYS A 30 15.76 19.58 14.81
CA LYS A 30 15.34 20.59 15.79
C LYS A 30 14.24 20.05 16.69
N ALA A 31 13.24 19.38 16.10
CA ALA A 31 12.14 18.85 16.90
C ALA A 31 12.62 17.84 17.93
N ARG A 32 13.61 17.00 17.59
CA ARG A 32 14.08 16.01 18.56
C ARG A 32 14.82 16.68 19.70
N ALA A 33 15.62 17.71 19.40
CA ALA A 33 16.28 18.46 20.47
C ALA A 33 15.25 19.03 21.42
N ILE A 34 14.16 19.60 20.90
CA ILE A 34 13.12 20.15 21.76
C ILE A 34 12.46 19.03 22.56
N LEU A 35 12.13 17.92 21.91
CA LEU A 35 11.33 16.89 22.57
C LEU A 35 12.12 16.16 23.66
N THR A 36 13.39 15.85 23.41
CA THR A 36 14.16 15.16 24.43
C THR A 36 14.61 16.13 25.50
N GLY A 37 14.57 17.41 25.21
CA GLY A 37 14.82 18.40 26.23
C GLY A 37 16.30 18.43 26.54
N LYS A 38 16.59 18.36 27.83
CA LYS A 38 17.93 18.50 28.41
C LYS A 38 18.45 19.92 28.20
N THR A 39 17.82 20.72 27.34
CA THR A 39 18.23 22.08 27.09
C THR A 39 17.40 23.05 27.93
N THR A 40 17.83 24.33 28.00
CA THR A 40 17.07 25.27 28.82
C THR A 40 16.11 26.25 28.08
N ASP A 41 16.48 27.14 27.11
CA ASP A 41 15.33 27.95 26.65
C ASP A 41 14.73 27.50 25.31
N LYS A 42 15.03 26.28 24.84
CA LYS A 42 14.20 25.72 23.77
C LYS A 42 13.05 24.89 24.34
N SER A 43 12.65 25.16 25.57
CA SER A 43 11.65 24.35 26.26
C SER A 43 10.23 24.75 25.87
N PRO A 44 9.41 23.80 25.47
CA PRO A 44 8.03 24.11 25.08
C PRO A 44 7.08 24.29 26.25
N PHE A 45 6.11 25.18 26.07
CA PHE A 45 4.94 25.20 26.93
C PHE A 45 4.07 24.00 26.60
N VAL A 46 3.59 23.29 27.62
CA VAL A 46 2.84 22.06 27.42
C VAL A 46 1.37 22.31 27.68
N ILE A 47 0.53 21.91 26.71
CA ILE A 47 -0.92 22.08 26.77
C ILE A 47 -1.50 20.69 26.95
N TYR A 48 -2.06 20.42 28.13
CA TYR A 48 -2.55 19.10 28.49
C TYR A 48 -4.03 19.10 28.86
N ASP A 49 -4.68 20.27 28.89
CA ASP A 49 -6.07 20.39 29.29
C ASP A 49 -6.57 21.78 28.90
N MET A 50 -7.84 22.04 29.21
CA MET A 50 -8.48 23.30 28.82
C MET A 50 -7.77 24.50 29.45
N ASN A 51 -7.39 24.38 30.71
CA ASN A 51 -6.86 25.55 31.40
C ASN A 51 -5.47 25.90 30.89
N SER A 52 -4.63 24.89 30.61
CA SER A 52 -3.31 25.17 30.07
C SER A 52 -3.40 25.75 28.65
N LEU A 53 -4.39 25.33 27.86
CA LEU A 53 -4.59 25.97 26.56
C LEU A 53 -4.84 27.47 26.73
N MET A 54 -5.73 27.83 27.66
CA MET A 54 -6.01 29.24 27.93
C MET A 54 -4.75 29.99 28.33
N MET A 55 -3.87 29.36 29.11
CA MET A 55 -2.63 30.02 29.52
C MET A 55 -1.66 30.08 28.35
N GLY A 56 -1.69 29.08 27.47
CA GLY A 56 -0.76 29.00 26.36
C GLY A 56 -0.88 30.13 25.37
N GLU A 57 -2.08 30.72 25.22
CA GLU A 57 -2.25 31.80 24.25
C GLU A 57 -1.47 33.02 24.65
N ASP A 58 -1.37 33.29 25.97
CA ASP A 58 -0.68 34.46 26.46
C ASP A 58 0.83 34.32 26.46
N LYS A 59 1.34 33.09 26.47
CA LYS A 59 2.78 32.84 26.46
C LYS A 59 3.31 32.79 25.02
N ILE A 60 2.84 31.83 24.23
CA ILE A 60 3.32 31.67 22.85
C ILE A 60 2.89 32.85 21.99
N GLU A 74 -15.22 27.18 20.70
CA GLU A 74 -15.34 25.78 21.12
C GLU A 74 -13.99 25.09 20.93
N VAL A 75 -13.52 24.40 21.98
CA VAL A 75 -12.12 24.00 22.04
C VAL A 75 -11.76 23.05 20.89
N ALA A 76 -12.60 22.06 20.62
CA ALA A 76 -12.26 21.10 19.58
C ALA A 76 -12.18 21.76 18.21
N ILE A 77 -13.05 22.74 17.94
CA ILE A 77 -13.00 23.45 16.68
C ILE A 77 -11.74 24.29 16.60
N ARG A 78 -11.42 25.04 17.66
CA ARG A 78 -10.25 25.91 17.62
C ARG A 78 -8.99 25.09 17.37
N ILE A 79 -8.95 23.88 17.92
CA ILE A 79 -7.81 22.99 17.69
C ILE A 79 -7.83 22.45 16.28
N PHE A 80 -9.01 22.07 15.78
CA PHE A 80 -9.09 21.65 14.40
C PHE A 80 -8.60 22.75 13.46
N GLN A 81 -9.14 23.97 13.63
CA GLN A 81 -8.73 25.06 12.77
C GLN A 81 -7.24 25.34 12.90
N GLY A 82 -6.67 25.12 14.07
CA GLY A 82 -5.22 25.24 14.21
C GLY A 82 -4.48 24.24 13.34
N CYS A 83 -4.96 22.99 13.28
CA CYS A 83 -4.37 21.98 12.38
C CYS A 83 -4.57 22.35 10.91
N GLN A 84 -5.79 22.72 10.53
CA GLN A 84 -6.07 23.15 9.17
C GLN A 84 -5.10 24.24 8.75
N PHE A 85 -4.94 25.26 9.59
CA PHE A 85 -4.07 26.38 9.23
C PHE A 85 -2.62 25.92 9.07
N ARG A 86 -2.16 25.02 9.94
CA ARG A 86 -0.81 24.50 9.81
C ARG A 86 -0.68 23.64 8.57
N SER A 87 -1.71 22.85 8.27
CA SER A 87 -1.69 21.99 7.08
C SER A 87 -1.59 22.82 5.81
N VAL A 88 -2.29 23.95 5.76
CA VAL A 88 -2.19 24.82 4.59
C VAL A 88 -0.77 25.35 4.45
N GLU A 89 -0.18 25.79 5.55
CA GLU A 89 1.21 26.24 5.49
C GLU A 89 2.11 25.11 5.02
N ALA A 90 1.83 23.88 5.47
CA ALA A 90 2.66 22.76 5.04
C ALA A 90 2.59 22.59 3.52
N VAL A 91 1.38 22.64 2.96
CA VAL A 91 1.19 22.56 1.51
C VAL A 91 2.06 23.58 0.80
N GLN A 92 2.00 24.83 1.25
CA GLN A 92 2.88 25.86 0.71
C GLN A 92 4.34 25.46 0.81
N GLU A 93 4.74 24.92 1.97
CA GLU A 93 6.15 24.53 2.14
C GLU A 93 6.48 23.36 1.24
N ILE A 94 5.60 22.37 1.18
CA ILE A 94 5.83 21.21 0.32
C ILE A 94 5.89 21.65 -1.14
N THR A 95 4.99 22.56 -1.54
CA THR A 95 4.99 23.04 -2.93
C THR A 95 6.29 23.71 -3.28
N GLU A 96 6.82 24.52 -2.36
CA GLU A 96 8.09 25.18 -2.63
C GLU A 96 9.24 24.15 -2.70
N TYR A 97 9.22 23.16 -1.80
CA TYR A 97 10.20 22.08 -1.89
C TYR A 97 10.11 21.31 -3.20
N ALA A 98 8.89 20.97 -3.63
CA ALA A 98 8.71 20.16 -4.84
C ALA A 98 9.38 20.80 -6.04
N LYS A 99 9.24 22.12 -6.20
CA LYS A 99 9.86 22.81 -7.34
C LYS A 99 11.37 22.63 -7.37
N SER A 100 12.00 22.32 -6.24
CA SER A 100 13.45 22.14 -6.25
C SER A 100 13.84 20.74 -6.65
N ILE A 101 12.91 19.80 -6.76
CA ILE A 101 13.27 18.44 -7.16
C ILE A 101 13.62 18.48 -8.65
N PRO A 102 14.85 18.11 -9.03
CA PRO A 102 15.26 18.19 -10.43
C PRO A 102 14.28 17.48 -11.35
N GLY A 103 13.73 18.21 -12.31
CA GLY A 103 12.81 17.69 -13.29
C GLY A 103 11.36 18.02 -13.01
N PHE A 104 11.01 18.32 -11.77
CA PHE A 104 9.59 18.50 -11.47
C PHE A 104 9.00 19.67 -12.25
N VAL A 105 9.69 20.82 -12.28
CA VAL A 105 9.05 21.97 -12.90
C VAL A 105 8.99 21.83 -14.40
N ASN A 106 9.83 20.98 -14.99
CA ASN A 106 9.82 20.73 -16.43
C ASN A 106 8.68 19.83 -16.89
N LEU A 107 7.98 19.19 -15.96
CA LEU A 107 6.88 18.30 -16.31
C LEU A 107 5.69 19.10 -16.79
N ASP A 108 4.81 18.42 -17.54
CA ASP A 108 3.50 18.96 -17.86
C ASP A 108 2.86 19.62 -16.64
N LEU A 109 2.36 20.84 -16.83
CA LEU A 109 1.85 21.61 -15.71
C LEU A 109 0.66 20.94 -15.05
N ASN A 110 -0.20 20.28 -15.82
CA ASN A 110 -1.33 19.58 -15.19
C ASN A 110 -0.84 18.43 -14.32
N ASP A 111 0.25 17.78 -14.71
CA ASP A 111 0.79 16.70 -13.90
C ASP A 111 1.43 17.25 -12.62
N GLN A 112 2.12 18.38 -12.71
CA GLN A 112 2.62 19.04 -11.51
C GLN A 112 1.49 19.21 -10.50
N VAL A 113 0.32 19.68 -10.96
CA VAL A 113 -0.79 19.88 -10.05
C VAL A 113 -1.24 18.54 -9.49
N THR A 114 -1.41 17.55 -10.36
CA THR A 114 -1.85 16.22 -9.96
C THR A 114 -0.91 15.58 -8.94
N LEU A 115 0.40 15.71 -9.16
CA LEU A 115 1.36 15.08 -8.24
C LEU A 115 1.27 15.71 -6.85
N LEU A 116 1.13 17.05 -6.80
CA LEU A 116 0.97 17.74 -5.53
C LEU A 116 -0.37 17.41 -4.89
N LYS A 117 -1.43 17.39 -5.70
CA LYS A 117 -2.77 17.10 -5.19
C LYS A 117 -2.79 15.78 -4.41
N TYR A 118 -2.15 14.74 -4.94
CA TYR A 118 -2.19 13.43 -4.29
C TYR A 118 -0.99 13.20 -3.39
N GLY A 119 0.01 14.07 -3.40
CA GLY A 119 1.19 13.80 -2.61
C GLY A 119 1.25 14.56 -1.31
N VAL A 120 0.60 15.73 -1.23
CA VAL A 120 0.83 16.58 -0.05
C VAL A 120 0.36 15.87 1.21
N HIS A 121 -0.77 15.17 1.15
CA HIS A 121 -1.29 14.54 2.36
C HIS A 121 -0.34 13.48 2.89
N GLU A 122 0.21 12.66 2.00
CA GLU A 122 1.15 11.62 2.42
C GLU A 122 2.40 12.22 3.04
N ILE A 123 2.81 13.38 2.53
CA ILE A 123 3.99 14.08 3.05
C ILE A 123 3.69 14.73 4.39
N ILE A 124 2.49 15.29 4.53
CA ILE A 124 2.15 15.95 5.78
C ILE A 124 2.18 14.95 6.92
N TYR A 125 1.61 13.77 6.71
CA TYR A 125 1.64 12.71 7.71
C TYR A 125 3.07 12.33 8.06
N THR A 126 3.89 12.11 7.03
CA THR A 126 5.29 11.77 7.21
C THR A 126 6.00 12.80 8.07
N MET A 127 5.85 14.06 7.73
CA MET A 127 6.60 15.12 8.39
C MET A 127 5.99 15.47 9.71
N LEU A 128 4.69 15.24 9.86
CA LEU A 128 4.06 15.39 11.16
C LEU A 128 4.70 14.45 12.18
N ALA A 129 5.11 13.24 11.74
CA ALA A 129 5.74 12.30 12.66
C ALA A 129 7.02 12.85 13.25
N SER A 130 7.75 13.67 12.48
CA SER A 130 8.95 14.29 13.00
C SER A 130 8.67 15.14 14.23
N LEU A 131 7.45 15.66 14.36
CA LEU A 131 7.10 16.55 15.44
C LEU A 131 6.48 15.83 16.61
N MET A 132 6.38 14.51 16.54
CA MET A 132 5.62 13.74 17.51
C MET A 132 6.53 12.78 18.28
N ASN A 133 6.17 12.53 19.52
CA ASN A 133 6.61 11.30 20.17
C ASN A 133 5.34 10.64 20.68
N LYS A 134 5.46 9.64 21.55
CA LYS A 134 4.26 8.94 21.98
C LYS A 134 3.37 9.79 22.90
N ASP A 135 3.87 10.91 23.40
CA ASP A 135 3.17 11.73 24.38
C ASP A 135 2.58 13.04 23.81
N GLY A 136 2.96 13.45 22.60
CA GLY A 136 2.29 14.60 22.00
C GLY A 136 3.03 15.10 20.77
N VAL A 137 2.71 16.34 20.38
CA VAL A 137 3.15 16.91 19.12
C VAL A 137 3.61 18.35 19.36
N LEU A 138 4.73 18.73 18.75
CA LEU A 138 5.15 20.12 18.78
C LEU A 138 4.20 20.95 17.94
N ILE A 139 3.93 22.18 18.37
CA ILE A 139 3.15 23.14 17.61
C ILE A 139 3.84 24.50 17.68
N SER A 140 3.34 25.43 16.88
CA SER A 140 3.83 26.80 16.83
C SER A 140 5.36 26.86 16.77
N GLU A 141 5.90 26.21 15.74
CA GLU A 141 7.36 26.17 15.48
C GLU A 141 8.14 25.62 16.68
N GLY A 142 7.54 24.70 17.42
CA GLY A 142 8.22 24.07 18.53
C GLY A 142 8.10 24.81 19.85
N GLN A 143 7.34 25.90 19.89
CA GLN A 143 7.21 26.66 21.11
C GLN A 143 6.24 26.02 22.08
N GLY A 144 5.29 25.24 21.56
CA GLY A 144 4.29 24.59 22.37
C GLY A 144 4.36 23.10 22.12
N PHE A 145 3.69 22.36 23.00
CA PHE A 145 3.59 20.91 22.90
C PHE A 145 2.21 20.53 23.42
N MET A 146 1.41 19.91 22.57
CA MET A 146 0.06 19.51 22.89
C MET A 146 0.02 18.01 23.07
N THR A 147 -0.50 17.55 24.21
CA THR A 147 -0.38 16.16 24.58
C THR A 147 -1.37 15.31 23.79
N ARG A 148 -0.95 14.06 23.54
CA ARG A 148 -1.80 13.08 22.88
C ARG A 148 -3.08 12.81 23.66
N GLU A 149 -2.99 12.73 24.99
CA GLU A 149 -4.17 12.41 25.80
C GLU A 149 -5.22 13.51 25.69
N PHE A 150 -4.78 14.78 25.77
CA PHE A 150 -5.69 15.89 25.59
C PHE A 150 -6.34 15.86 24.21
N LEU A 151 -5.55 15.61 23.16
CA LEU A 151 -6.10 15.59 21.81
C LEU A 151 -7.10 14.45 21.63
N LYS A 152 -6.79 13.26 22.13
CA LYS A 152 -7.68 12.12 22.01
C LYS A 152 -8.97 12.32 22.80
N SER A 153 -8.94 13.17 23.81
CA SER A 153 -10.09 13.39 24.67
C SER A 153 -11.04 14.45 24.15
N LEU A 154 -10.74 15.05 22.99
CA LEU A 154 -11.66 16.00 22.39
C LEU A 154 -12.96 15.30 21.98
N ARG A 155 -14.02 16.10 21.84
CA ARG A 155 -15.37 15.58 21.81
C ARG A 155 -15.71 14.90 20.48
N LYS A 156 -16.88 14.25 20.48
CA LYS A 156 -17.68 13.73 19.38
C LYS A 156 -16.80 13.17 18.26
N PRO A 157 -16.52 13.84 17.09
CA PRO A 157 -15.67 13.15 16.12
C PRO A 157 -14.20 13.55 16.17
N PHE A 158 -13.90 14.63 16.90
CA PHE A 158 -12.59 15.27 16.81
C PHE A 158 -11.50 14.46 17.53
N GLY A 159 -11.81 13.84 18.67
CA GLY A 159 -10.78 13.06 19.36
C GLY A 159 -10.21 11.94 18.52
N ASP A 160 -11.08 11.11 17.96
CA ASP A 160 -10.65 9.99 17.13
C ASP A 160 -10.10 10.44 15.79
N PHE A 161 -10.19 11.72 15.47
CA PHE A 161 -9.56 12.26 14.28
C PHE A 161 -8.09 12.60 14.54
N MET A 162 -7.75 12.96 15.77
CA MET A 162 -6.39 13.33 16.15
C MET A 162 -5.47 12.13 16.27
N GLU A 163 -5.96 11.07 16.93
CA GLU A 163 -5.17 9.93 17.39
C GLU A 163 -4.53 9.05 16.31
N PRO A 164 -5.19 8.76 15.18
CA PRO A 164 -4.50 8.00 14.11
C PRO A 164 -3.18 8.60 13.65
N LYS A 165 -3.03 9.93 13.70
CA LYS A 165 -1.75 10.54 13.37
C LYS A 165 -0.65 10.03 14.29
N PHE A 166 -0.93 10.01 15.60
CA PHE A 166 -0.01 9.44 16.57
C PHE A 166 0.24 7.96 16.32
N GLU A 167 -0.81 7.20 16.02
CA GLU A 167 -0.60 5.77 15.77
C GLU A 167 0.40 5.55 14.66
N PHE A 168 0.28 6.31 13.57
CA PHE A 168 1.26 6.18 12.49
C PHE A 168 2.62 6.67 12.95
N ALA A 169 2.67 7.86 13.56
CA ALA A 169 3.96 8.47 13.88
C ALA A 169 4.84 7.55 14.71
N VAL A 170 4.25 6.88 15.72
CA VAL A 170 5.05 6.00 16.59
C VAL A 170 5.69 4.89 15.77
N LYS A 171 4.92 4.29 14.87
CA LYS A 171 5.48 3.23 14.04
C LYS A 171 6.55 3.79 13.10
N PHE A 172 6.23 4.91 12.42
CA PHE A 172 7.18 5.47 11.47
C PHE A 172 8.47 5.92 12.17
N ASN A 173 8.36 6.54 13.33
CA ASN A 173 9.55 7.05 14.01
C ASN A 173 10.47 5.93 14.48
N ALA A 174 9.99 4.70 14.58
CA ALA A 174 10.87 3.61 15.00
C ALA A 174 11.97 3.34 13.98
N LEU A 175 11.77 3.74 12.71
CA LEU A 175 12.82 3.63 11.69
C LEU A 175 13.99 4.57 11.95
N GLU A 176 13.81 5.59 12.78
CA GLU A 176 14.88 6.52 13.14
C GLU A 176 15.50 7.19 11.92
N LEU A 177 14.66 7.64 10.98
CA LEU A 177 15.20 8.41 9.87
C LEU A 177 15.64 9.79 10.37
N ASP A 178 16.66 10.36 9.73
CA ASP A 178 16.96 11.76 9.99
C ASP A 178 16.55 12.57 8.75
N ASP A 179 16.80 13.89 8.80
CA ASP A 179 16.21 14.77 7.79
C ASP A 179 16.75 14.48 6.41
N SER A 180 18.06 14.16 6.32
CA SER A 180 18.69 13.85 5.04
C SER A 180 18.09 12.61 4.41
N ASP A 181 17.61 11.67 5.23
CA ASP A 181 16.83 10.55 4.70
C ASP A 181 15.48 11.04 4.22
N LEU A 182 14.79 11.83 5.05
CA LEU A 182 13.42 12.24 4.76
C LEU A 182 13.32 13.08 3.50
N ALA A 183 14.33 13.91 3.21
CA ALA A 183 14.32 14.76 2.04
C ALA A 183 14.18 13.93 0.75
N ILE A 184 14.91 12.82 0.65
CA ILE A 184 14.75 11.99 -0.53
C ILE A 184 13.43 11.23 -0.48
N PHE A 185 13.05 10.73 0.69
CA PHE A 185 11.80 9.97 0.81
C PHE A 185 10.61 10.81 0.37
N ILE A 186 10.56 12.05 0.84
CA ILE A 186 9.50 12.97 0.47
C ILE A 186 9.48 13.21 -1.03
N ALA A 187 10.67 13.34 -1.63
CA ALA A 187 10.77 13.52 -3.07
C ALA A 187 10.22 12.30 -3.82
N VAL A 188 10.57 11.09 -3.36
CA VAL A 188 10.06 9.85 -3.97
C VAL A 188 8.55 9.81 -3.97
N ILE A 189 7.92 10.21 -2.86
CA ILE A 189 6.46 10.20 -2.77
C ILE A 189 5.86 11.10 -3.83
N ILE A 190 6.43 12.29 -4.00
CA ILE A 190 5.83 13.27 -4.91
C ILE A 190 5.84 12.75 -6.34
N LEU A 191 6.97 12.19 -6.76
CA LEU A 191 7.13 11.72 -8.13
C LEU A 191 6.59 10.31 -8.27
N SER A 192 5.34 10.09 -7.87
CA SER A 192 4.67 8.81 -8.01
C SER A 192 3.96 8.77 -9.35
N GLY A 193 4.39 7.87 -10.24
CA GLY A 193 3.79 7.73 -11.56
C GLY A 193 2.41 7.11 -11.57
N ASP A 194 1.93 6.57 -10.45
CA ASP A 194 0.65 5.89 -10.41
C ASP A 194 -0.50 6.78 -9.96
N ARG A 195 -0.28 8.08 -9.82
CA ARG A 195 -1.36 8.95 -9.39
C ARG A 195 -2.46 8.98 -10.44
N PRO A 196 -3.73 9.05 -10.02
CA PRO A 196 -4.82 9.13 -11.00
C PRO A 196 -4.70 10.37 -11.88
N GLY A 197 -4.92 10.18 -13.17
CA GLY A 197 -5.06 11.28 -14.08
C GLY A 197 -3.77 11.81 -14.68
N LEU A 198 -2.65 11.13 -14.46
CA LEU A 198 -1.40 11.65 -15.01
C LEU A 198 -1.40 11.53 -16.53
N LEU A 199 -0.87 12.54 -17.18
CA LEU A 199 -0.79 12.52 -18.64
C LEU A 199 0.49 11.86 -19.13
N ASN A 200 1.58 11.97 -18.37
CA ASN A 200 2.90 11.63 -18.88
C ASN A 200 3.62 10.83 -17.80
N VAL A 201 3.24 9.57 -17.66
CA VAL A 201 3.77 8.76 -16.57
C VAL A 201 5.27 8.55 -16.73
N LYS A 202 5.75 8.44 -17.96
CA LYS A 202 7.14 8.04 -18.20
C LYS A 202 8.15 9.03 -17.64
N PRO A 203 8.10 10.34 -17.94
CA PRO A 203 9.09 11.25 -17.34
C PRO A 203 9.01 11.33 -15.82
N ILE A 204 7.83 11.12 -15.24
CA ILE A 204 7.69 11.06 -13.79
C ILE A 204 8.41 9.84 -13.22
N GLU A 205 8.24 8.69 -13.87
CA GLU A 205 8.91 7.49 -13.40
C GLU A 205 10.42 7.55 -13.61
N ASP A 206 10.87 8.24 -14.66
CA ASP A 206 12.30 8.40 -14.87
C ASP A 206 12.93 9.19 -13.73
N ILE A 207 12.23 10.23 -13.28
CA ILE A 207 12.74 11.01 -12.17
C ILE A 207 12.71 10.18 -10.90
N GLN A 208 11.59 9.49 -10.63
CA GLN A 208 11.50 8.70 -9.41
C GLN A 208 12.58 7.63 -9.35
N ASP A 209 12.92 7.02 -10.49
CA ASP A 209 13.98 6.02 -10.50
C ASP A 209 15.29 6.61 -10.02
N ASN A 210 15.59 7.85 -10.40
CA ASN A 210 16.81 8.46 -9.90
C ASN A 210 16.70 8.73 -8.40
N LEU A 211 15.54 9.22 -7.96
CA LEU A 211 15.31 9.44 -6.54
C LEU A 211 15.41 8.14 -5.74
N LEU A 212 14.81 7.05 -6.27
CA LEU A 212 14.88 5.76 -5.60
C LEU A 212 16.32 5.28 -5.47
N GLN A 213 17.08 5.34 -6.57
CA GLN A 213 18.51 5.03 -6.48
C GLN A 213 19.18 5.90 -5.43
N ALA A 214 18.83 7.19 -5.40
CA ALA A 214 19.44 8.10 -4.46
C ALA A 214 19.10 7.72 -3.03
N LEU A 215 17.85 7.32 -2.79
CA LEU A 215 17.41 6.91 -1.45
C LEU A 215 18.12 5.64 -1.01
N GLU A 216 18.19 4.65 -1.88
CA GLU A 216 18.84 3.38 -1.55
C GLU A 216 20.27 3.59 -1.10
N LEU A 217 21.04 4.38 -1.86
CA LEU A 217 22.42 4.65 -1.46
C LEU A 217 22.46 5.43 -0.16
N GLN A 218 21.58 6.43 -0.02
CA GLN A 218 21.53 7.21 1.22
C GLN A 218 21.31 6.29 2.42
N LEU A 219 20.32 5.40 2.33
CA LEU A 219 20.01 4.54 3.48
C LEU A 219 21.14 3.57 3.76
N LYS A 220 21.77 3.02 2.72
CA LYS A 220 22.88 2.10 2.94
C LYS A 220 24.04 2.78 3.65
N LEU A 221 24.34 4.02 3.29
CA LEU A 221 25.47 4.71 3.92
C LEU A 221 25.14 5.24 5.31
N ASN A 222 23.93 5.78 5.51
CA ASN A 222 23.59 6.45 6.75
C ASN A 222 23.04 5.50 7.81
N HIS A 223 22.63 4.29 7.39
CA HIS A 223 22.03 3.30 8.28
C HIS A 223 22.58 1.94 7.88
N PRO A 224 23.91 1.79 7.89
CA PRO A 224 24.52 0.57 7.34
C PRO A 224 24.21 -0.67 8.15
N GLU A 225 23.86 -0.51 9.42
CA GLU A 225 23.52 -1.62 10.29
C GLU A 225 22.03 -1.95 10.26
N SER A 226 21.25 -1.22 9.45
CA SER A 226 19.80 -1.35 9.40
C SER A 226 19.43 -2.12 8.14
N SER A 227 19.24 -3.43 8.28
CA SER A 227 19.07 -4.29 7.11
C SER A 227 17.73 -4.03 6.44
N GLN A 228 17.75 -3.94 5.11
CA GLN A 228 16.54 -3.73 4.30
C GLN A 228 15.75 -2.49 4.75
N LEU A 229 16.44 -1.45 5.23
CA LEU A 229 15.72 -0.24 5.60
C LEU A 229 15.01 0.34 4.38
N PHE A 230 15.65 0.25 3.22
CA PHE A 230 15.03 0.69 1.98
C PHE A 230 13.66 0.04 1.77
N ALA A 231 13.64 -1.30 1.72
CA ALA A 231 12.37 -2.02 1.58
C ALA A 231 11.40 -1.65 2.69
N LYS A 232 11.90 -1.58 3.94
CA LYS A 232 11.01 -1.29 5.06
C LYS A 232 10.42 0.11 4.93
N LEU A 233 11.24 1.08 4.48
CA LEU A 233 10.74 2.44 4.27
C LEU A 233 9.67 2.46 3.18
N LEU A 234 9.91 1.78 2.05
CA LEU A 234 8.89 1.76 1.00
C LEU A 234 7.62 1.07 1.46
N GLN A 235 7.72 0.06 2.33
CA GLN A 235 6.51 -0.56 2.87
C GLN A 235 5.71 0.42 3.71
N LYS A 236 6.33 1.50 4.20
CA LYS A 236 5.61 2.55 4.90
C LYS A 236 4.78 3.42 3.95
N MET A 237 5.17 3.51 2.67
CA MET A 237 4.30 4.19 1.72
C MET A 237 2.96 3.49 1.59
N THR A 238 2.91 2.19 1.88
CA THR A 238 1.63 1.49 2.00
C THR A 238 0.80 2.05 3.16
N ASP A 239 1.37 2.11 4.36
CA ASP A 239 0.61 2.62 5.50
C ASP A 239 0.15 4.06 5.30
N LEU A 240 0.88 4.84 4.50
CA LEU A 240 0.50 6.23 4.27
C LEU A 240 -0.76 6.30 3.41
N ARG A 241 -0.79 5.57 2.31
CA ARG A 241 -1.94 5.61 1.41
C ARG A 241 -3.24 5.26 2.14
N GLN A 242 -3.21 4.23 2.99
CA GLN A 242 -4.38 3.83 3.76
C GLN A 242 -4.86 4.96 4.66
N ILE A 243 -3.93 5.54 5.44
CA ILE A 243 -4.34 6.50 6.47
C ILE A 243 -4.82 7.81 5.85
N VAL A 244 -4.26 8.21 4.71
CA VAL A 244 -4.81 9.36 3.99
C VAL A 244 -6.25 9.11 3.58
N THR A 245 -6.55 7.88 3.16
CA THR A 245 -7.92 7.53 2.77
C THR A 245 -8.87 7.62 3.97
N GLU A 246 -8.48 7.04 5.11
CA GLU A 246 -9.31 7.16 6.29
C GLU A 246 -9.45 8.62 6.72
N HIS A 247 -8.35 9.37 6.65
CA HIS A 247 -8.41 10.78 7.01
C HIS A 247 -9.42 11.51 6.15
N VAL A 248 -9.31 11.37 4.84
CA VAL A 248 -10.21 12.03 3.91
C VAL A 248 -11.65 11.60 4.18
N GLN A 249 -11.87 10.30 4.38
CA GLN A 249 -13.21 9.80 4.59
C GLN A 249 -13.79 10.32 5.90
N LEU A 250 -12.98 10.36 6.96
CA LEU A 250 -13.45 10.89 8.22
C LEU A 250 -13.61 12.41 8.17
N LEU A 251 -12.72 13.10 7.45
CA LEU A 251 -12.85 14.54 7.32
C LEU A 251 -14.16 14.93 6.65
N GLN A 252 -14.58 14.17 5.64
CA GLN A 252 -15.83 14.50 4.96
C GLN A 252 -17.02 14.34 5.89
N VAL A 253 -17.00 13.29 6.73
CA VAL A 253 -18.08 13.06 7.68
C VAL A 253 -18.23 14.24 8.65
N ILE A 254 -17.10 14.84 9.04
CA ILE A 254 -17.14 15.98 9.96
C ILE A 254 -17.85 17.17 9.31
N LYS A 255 -17.65 17.34 8.00
CA LYS A 255 -18.34 18.41 7.27
C LYS A 255 -19.85 18.29 7.41
N LYS A 256 -20.38 17.06 7.51
CA LYS A 256 -21.82 16.85 7.54
C LYS A 256 -22.44 17.15 8.91
N THR A 257 -21.63 17.43 9.93
CA THR A 257 -22.17 17.89 11.21
C THR A 257 -21.79 19.30 11.56
N GLU A 258 -20.62 19.77 11.11
CA GLU A 258 -20.03 21.00 11.64
C GLU A 258 -20.04 22.08 10.56
N THR A 259 -21.02 22.97 10.61
CA THR A 259 -20.98 24.15 9.74
C THR A 259 -20.14 25.27 10.34
N ASP A 260 -19.77 25.17 11.62
CA ASP A 260 -18.92 26.21 12.20
C ASP A 260 -17.46 25.98 11.84
N MET A 261 -17.24 25.03 10.93
CA MET A 261 -15.98 24.73 10.29
C MET A 261 -16.07 25.07 8.80
N SER A 262 -14.91 25.34 8.21
CA SER A 262 -14.77 25.55 6.77
C SER A 262 -13.29 25.32 6.45
N LEU A 263 -13.02 24.65 5.34
CA LEU A 263 -11.63 24.41 4.98
C LEU A 263 -11.10 25.54 4.10
N HIS A 264 -9.83 25.82 4.26
CA HIS A 264 -9.11 26.74 3.40
C HIS A 264 -9.28 26.33 1.94
N PRO A 265 -9.48 27.27 1.02
CA PRO A 265 -9.70 26.87 -0.39
C PRO A 265 -8.59 25.99 -0.94
N LEU A 266 -7.33 26.21 -0.52
CA LEU A 266 -6.24 25.32 -0.93
C LEU A 266 -6.55 23.86 -0.60
N LEU A 267 -6.96 23.59 0.64
CA LEU A 267 -7.33 22.24 1.03
C LEU A 267 -8.62 21.80 0.35
N GLN A 268 -9.61 22.69 0.32
CA GLN A 268 -10.88 22.41 -0.35
C GLN A 268 -10.66 21.89 -1.77
N GLU A 269 -9.80 22.56 -2.54
CA GLU A 269 -9.50 22.08 -3.89
C GLU A 269 -8.83 20.70 -3.86
N ILE A 270 -7.85 20.51 -2.98
CA ILE A 270 -7.13 19.24 -2.92
C ILE A 270 -8.10 18.08 -2.68
N TYR A 271 -9.06 18.27 -1.78
CA TYR A 271 -9.93 17.15 -1.42
C TYR A 271 -10.94 16.83 -2.53
N LYS A 272 -11.35 17.85 -3.30
CA LYS A 272 -12.31 17.67 -4.38
C LYS A 272 -11.78 16.65 -5.38
N ASP A 273 -12.31 15.43 -5.36
CA ASP A 273 -11.84 14.33 -6.20
C ASP A 273 -10.37 14.00 -5.92
N MET B 4 28.87 -12.48 2.23
CA MET B 4 29.13 -13.91 2.08
C MET B 4 27.85 -14.75 2.17
N GLU B 5 26.77 -14.29 1.52
CA GLU B 5 25.51 -15.02 1.53
C GLU B 5 24.78 -14.96 0.20
N SER B 6 25.44 -14.47 -0.86
CA SER B 6 24.84 -14.49 -2.19
C SER B 6 24.26 -15.87 -2.50
N ALA B 7 25.07 -16.92 -2.33
CA ALA B 7 24.64 -18.29 -2.58
C ALA B 7 23.46 -18.70 -1.71
N ASP B 8 23.36 -18.17 -0.49
CA ASP B 8 22.23 -18.53 0.36
C ASP B 8 20.93 -17.95 -0.18
N LEU B 9 20.99 -16.73 -0.72
CA LEU B 9 19.80 -16.13 -1.31
C LEU B 9 19.39 -16.87 -2.58
N ARG B 10 20.36 -17.27 -3.40
CA ARG B 10 20.02 -18.10 -4.56
C ARG B 10 19.40 -19.41 -4.13
N ALA B 11 19.95 -20.05 -3.08
CA ALA B 11 19.38 -21.30 -2.60
C ALA B 11 17.95 -21.08 -2.13
N LEU B 12 17.71 -20.00 -1.40
CA LEU B 12 16.36 -19.72 -0.92
C LEU B 12 15.44 -19.42 -2.09
N ALA B 13 15.95 -18.71 -3.11
CA ALA B 13 15.17 -18.44 -4.32
C ALA B 13 14.78 -19.74 -5.02
N LYS B 14 15.76 -20.62 -5.25
CA LYS B 14 15.47 -21.89 -5.90
C LYS B 14 14.53 -22.72 -5.06
N HIS B 15 14.72 -22.73 -3.74
CA HIS B 15 13.85 -23.52 -2.89
C HIS B 15 12.41 -23.10 -3.04
N LEU B 16 12.16 -21.78 -3.07
CA LEU B 16 10.80 -21.28 -3.16
C LEU B 16 10.24 -21.50 -4.56
N TYR B 17 11.06 -21.33 -5.60
CA TYR B 17 10.59 -21.63 -6.95
C TYR B 17 10.13 -23.08 -7.05
N ASP B 18 10.98 -24.02 -6.65
CA ASP B 18 10.62 -25.44 -6.72
C ASP B 18 9.32 -25.73 -5.98
N SER B 19 9.14 -25.10 -4.82
CA SER B 19 7.95 -25.36 -4.03
C SER B 19 6.73 -24.69 -4.64
N TYR B 20 6.94 -23.50 -5.20
CA TYR B 20 5.86 -22.79 -5.88
C TYR B 20 5.32 -23.61 -7.06
N ILE B 21 6.21 -24.24 -7.83
CA ILE B 21 5.80 -25.13 -8.92
C ILE B 21 4.95 -26.29 -8.41
N LYS B 22 5.29 -26.86 -7.25
CA LYS B 22 4.54 -28.01 -6.73
C LYS B 22 3.16 -27.63 -6.20
N SER B 23 3.00 -26.41 -5.68
CA SER B 23 1.78 -26.06 -4.97
C SER B 23 0.71 -25.48 -5.89
N PHE B 24 1.08 -24.89 -6.97
CA PHE B 24 0.00 -24.24 -7.68
C PHE B 24 -0.29 -24.96 -9.00
N PRO B 25 -1.58 -25.10 -9.37
CA PRO B 25 -1.95 -25.96 -10.52
C PRO B 25 -1.43 -25.46 -11.86
N LEU B 26 -1.59 -24.17 -12.10
CA LEU B 26 -1.28 -23.56 -13.39
C LEU B 26 -0.25 -22.46 -13.16
N THR B 27 0.96 -22.64 -13.69
CA THR B 27 1.98 -21.61 -13.50
C THR B 27 1.74 -20.41 -14.41
N LYS B 28 2.47 -19.33 -14.13
CA LYS B 28 2.38 -18.18 -15.03
C LYS B 28 2.97 -18.50 -16.40
N ALA B 29 4.14 -19.14 -16.43
CA ALA B 29 4.76 -19.55 -17.69
C ALA B 29 3.78 -20.34 -18.55
N LYS B 30 3.15 -21.37 -17.96
CA LYS B 30 2.14 -22.11 -18.71
C LYS B 30 0.96 -21.23 -19.08
N ALA B 31 0.47 -20.41 -18.14
CA ALA B 31 -0.69 -19.57 -18.43
C ALA B 31 -0.41 -18.57 -19.55
N ARG B 32 0.82 -18.09 -19.68
CA ARG B 32 1.11 -17.10 -20.73
C ARG B 32 1.07 -17.75 -22.10
N ALA B 33 1.60 -18.97 -22.24
CA ALA B 33 1.53 -19.68 -23.50
C ALA B 33 0.09 -19.80 -23.97
N ILE B 34 -0.82 -20.14 -23.06
CA ILE B 34 -2.23 -20.25 -23.45
C ILE B 34 -2.78 -18.89 -23.86
N LEU B 35 -2.51 -17.85 -23.07
CA LEU B 35 -3.17 -16.58 -23.34
C LEU B 35 -2.69 -15.97 -24.64
N THR B 36 -1.40 -16.14 -24.95
CA THR B 36 -0.80 -15.59 -26.15
C THR B 36 -1.05 -16.44 -27.39
N GLY B 37 -1.50 -17.68 -27.23
CA GLY B 37 -1.81 -18.56 -28.34
C GLY B 37 -0.57 -19.21 -28.94
N LYS B 38 0.26 -19.80 -28.09
CA LYS B 38 1.54 -20.35 -28.51
C LYS B 38 1.64 -21.82 -28.11
N ASP B 41 -3.97 -25.26 -31.23
CA ASP B 41 -3.47 -26.37 -30.42
C ASP B 41 -3.97 -26.26 -28.98
N LYS B 42 -4.66 -27.31 -28.51
CA LYS B 42 -5.14 -27.40 -27.13
C LYS B 42 -5.87 -26.13 -26.71
N SER B 43 -6.59 -25.53 -27.65
CA SER B 43 -7.14 -24.20 -27.42
C SER B 43 -8.21 -24.26 -26.33
N PRO B 44 -8.17 -23.37 -25.36
CA PRO B 44 -9.15 -23.41 -24.26
C PRO B 44 -10.56 -23.10 -24.77
N PHE B 45 -11.56 -23.65 -24.09
CA PHE B 45 -12.92 -23.26 -24.40
C PHE B 45 -13.15 -21.82 -23.97
N VAL B 46 -13.73 -21.01 -24.86
CA VAL B 46 -13.90 -19.57 -24.59
C VAL B 46 -15.34 -19.29 -24.20
N ILE B 47 -15.51 -18.55 -23.11
CA ILE B 47 -16.81 -18.18 -22.59
C ILE B 47 -16.94 -16.68 -22.79
N TYR B 48 -17.76 -16.26 -23.78
CA TYR B 48 -17.88 -14.85 -24.13
C TYR B 48 -19.30 -14.33 -23.95
N ASP B 49 -20.25 -15.18 -23.57
CA ASP B 49 -21.65 -14.82 -23.42
C ASP B 49 -22.43 -15.97 -22.75
N MET B 50 -23.75 -15.78 -22.58
CA MET B 50 -24.56 -16.78 -21.89
C MET B 50 -24.52 -18.13 -22.59
N ASN B 51 -24.62 -18.15 -23.92
CA ASN B 51 -24.74 -19.43 -24.61
C ASN B 51 -23.43 -20.20 -24.56
N SER B 52 -22.30 -19.50 -24.70
CA SER B 52 -21.04 -20.21 -24.56
C SER B 52 -20.82 -20.70 -23.13
N LEU B 53 -21.26 -19.93 -22.12
CA LEU B 53 -21.19 -20.45 -20.76
C LEU B 53 -22.01 -21.73 -20.63
N MET B 54 -23.25 -21.69 -21.13
CA MET B 54 -24.09 -22.87 -21.08
C MET B 54 -23.41 -24.08 -21.73
N MET B 55 -22.65 -23.84 -22.80
CA MET B 55 -22.00 -24.96 -23.48
C MET B 55 -20.78 -25.47 -22.71
N GLY B 56 -19.96 -24.55 -22.18
CA GLY B 56 -18.75 -24.97 -21.52
C GLY B 56 -19.02 -25.73 -20.24
N GLU B 57 -20.05 -25.35 -19.50
CA GLU B 57 -20.36 -26.08 -18.28
C GLU B 57 -20.97 -27.43 -18.62
N ASP B 58 -21.61 -27.55 -19.80
CA ASP B 58 -22.12 -28.83 -20.28
C ASP B 58 -21.03 -29.69 -20.92
N LYS B 59 -19.98 -29.06 -21.48
CA LYS B 59 -18.89 -29.84 -22.08
C LYS B 59 -17.74 -30.00 -21.10
N ILE B 60 -17.06 -28.90 -20.76
CA ILE B 60 -15.90 -29.00 -19.88
C ILE B 60 -16.32 -29.36 -18.46
N LYS B 61 -17.52 -28.95 -18.05
CA LYS B 61 -18.00 -29.12 -16.67
C LYS B 61 -17.10 -28.43 -15.67
N PHE B 62 -17.19 -27.10 -15.60
CA PHE B 62 -16.42 -26.33 -14.63
C PHE B 62 -16.97 -26.59 -13.24
N LYS B 63 -16.09 -27.00 -12.31
CA LYS B 63 -16.54 -27.43 -10.98
C LYS B 63 -17.14 -26.28 -10.18
N HIS B 64 -16.62 -25.09 -10.34
CA HIS B 64 -17.16 -23.96 -9.60
C HIS B 64 -18.37 -23.34 -10.28
N ILE B 65 -18.73 -23.80 -11.48
CA ILE B 65 -19.91 -23.33 -12.19
C ILE B 65 -20.77 -24.53 -12.61
N THR B 66 -21.11 -25.38 -11.63
CA THR B 66 -22.13 -26.40 -11.73
C THR B 66 -23.26 -26.09 -10.76
N PRO B 67 -24.51 -26.30 -11.17
CA PRO B 67 -25.64 -26.09 -10.24
C PRO B 67 -25.49 -26.94 -8.98
N LEU B 68 -25.89 -26.34 -7.86
CA LEU B 68 -25.77 -27.01 -6.56
C LEU B 68 -27.15 -27.15 -5.93
N SER B 72 -28.89 -20.81 -6.56
CA SER B 72 -29.42 -19.79 -7.46
C SER B 72 -29.19 -20.13 -8.93
N LYS B 73 -30.20 -19.85 -9.75
CA LYS B 73 -30.10 -20.10 -11.18
C LYS B 73 -29.58 -18.90 -11.96
N GLU B 74 -29.45 -17.74 -11.31
CA GLU B 74 -29.08 -16.52 -12.01
C GLU B 74 -27.61 -16.54 -12.38
N VAL B 75 -27.32 -16.28 -13.66
CA VAL B 75 -25.97 -16.53 -14.18
C VAL B 75 -24.94 -15.68 -13.48
N ALA B 76 -25.24 -14.39 -13.28
CA ALA B 76 -24.25 -13.49 -12.67
C ALA B 76 -23.92 -13.94 -11.25
N ILE B 77 -24.90 -14.48 -10.53
CA ILE B 77 -24.65 -14.99 -9.19
C ILE B 77 -23.76 -16.23 -9.27
N ARG B 78 -24.09 -17.15 -10.18
CA ARG B 78 -23.34 -18.38 -10.31
C ARG B 78 -21.88 -18.13 -10.69
N ILE B 79 -21.60 -17.10 -11.49
CA ILE B 79 -20.21 -16.79 -11.78
C ILE B 79 -19.55 -16.16 -10.56
N PHE B 80 -20.27 -15.30 -9.86
CA PHE B 80 -19.71 -14.69 -8.66
C PHE B 80 -19.28 -15.75 -7.66
N GLN B 81 -20.21 -16.65 -7.33
CA GLN B 81 -19.93 -17.73 -6.40
C GLN B 81 -18.85 -18.66 -6.91
N GLY B 82 -18.77 -18.87 -8.23
CA GLY B 82 -17.69 -19.69 -8.79
C GLY B 82 -16.31 -19.13 -8.49
N CYS B 83 -16.18 -17.80 -8.51
CA CYS B 83 -14.95 -17.15 -8.08
C CYS B 83 -14.67 -17.42 -6.60
N GLN B 84 -15.70 -17.29 -5.76
CA GLN B 84 -15.57 -17.59 -4.34
C GLN B 84 -15.03 -18.99 -4.11
N PHE B 85 -15.67 -19.98 -4.75
CA PHE B 85 -15.26 -21.37 -4.57
C PHE B 85 -13.83 -21.63 -5.06
N ARG B 86 -13.43 -21.01 -6.17
CA ARG B 86 -12.04 -21.20 -6.59
C ARG B 86 -11.08 -20.54 -5.60
N SER B 87 -11.46 -19.41 -5.04
CA SER B 87 -10.65 -18.75 -4.04
C SER B 87 -10.45 -19.65 -2.82
N VAL B 88 -11.47 -20.43 -2.48
CA VAL B 88 -11.34 -21.39 -1.38
C VAL B 88 -10.23 -22.40 -1.67
N GLU B 89 -10.16 -22.95 -2.90
CA GLU B 89 -9.07 -23.87 -3.22
C GLU B 89 -7.72 -23.19 -3.20
N ALA B 90 -7.65 -21.97 -3.74
CA ALA B 90 -6.39 -21.24 -3.75
C ALA B 90 -5.86 -21.08 -2.33
N VAL B 91 -6.75 -20.81 -1.37
CA VAL B 91 -6.34 -20.68 0.04
C VAL B 91 -5.56 -21.90 0.50
N GLN B 92 -6.11 -23.09 0.28
CA GLN B 92 -5.37 -24.31 0.63
C GLN B 92 -4.05 -24.41 -0.13
N GLU B 93 -4.02 -23.97 -1.39
CA GLU B 93 -2.76 -24.06 -2.12
C GLU B 93 -1.72 -23.11 -1.54
N ILE B 94 -2.11 -21.88 -1.24
CA ILE B 94 -1.22 -20.92 -0.60
C ILE B 94 -0.81 -21.43 0.79
N THR B 95 -1.75 -22.00 1.53
CA THR B 95 -1.43 -22.54 2.85
C THR B 95 -0.35 -23.61 2.76
N GLU B 96 -0.46 -24.50 1.78
CA GLU B 96 0.56 -25.53 1.63
C GLU B 96 1.89 -24.92 1.21
N TYR B 97 1.86 -23.96 0.28
CA TYR B 97 3.08 -23.26 -0.11
C TYR B 97 3.75 -22.61 1.08
N ALA B 98 2.97 -21.95 1.94
CA ALA B 98 3.52 -21.28 3.14
C ALA B 98 4.36 -22.21 3.98
N LYS B 99 3.89 -23.46 4.18
CA LYS B 99 4.65 -24.42 4.98
C LYS B 99 6.05 -24.65 4.44
N SER B 100 6.30 -24.34 3.17
CA SER B 100 7.62 -24.56 2.61
C SER B 100 8.54 -23.36 2.78
N ILE B 101 8.04 -22.23 3.27
CA ILE B 101 8.92 -21.07 3.43
C ILE B 101 9.79 -21.34 4.66
N PRO B 102 11.12 -21.35 4.51
CA PRO B 102 12.00 -21.64 5.65
C PRO B 102 11.70 -20.77 6.85
N GLY B 103 11.39 -21.41 7.98
CA GLY B 103 11.10 -20.72 9.22
C GLY B 103 9.63 -20.61 9.52
N PHE B 104 8.75 -20.73 8.52
CA PHE B 104 7.34 -20.45 8.74
C PHE B 104 6.72 -21.42 9.74
N VAL B 105 7.02 -22.72 9.62
CA VAL B 105 6.36 -23.72 10.46
C VAL B 105 6.88 -23.63 11.90
N ASN B 106 8.07 -23.07 12.09
CA ASN B 106 8.60 -22.83 13.42
C ASN B 106 7.94 -21.64 14.09
N LEU B 107 7.13 -20.86 13.38
CA LEU B 107 6.49 -19.76 14.06
C LEU B 107 5.39 -20.31 14.96
N ASP B 108 5.07 -19.56 16.00
CA ASP B 108 3.89 -19.75 16.83
C ASP B 108 2.66 -20.08 15.99
N LEU B 109 1.92 -21.10 16.41
CA LEU B 109 0.85 -21.61 15.54
C LEU B 109 -0.22 -20.55 15.29
N ASN B 110 -0.58 -19.76 16.31
CA ASN B 110 -1.57 -18.70 16.11
C ASN B 110 -1.07 -17.65 15.13
N ASP B 111 0.24 -17.36 15.12
CA ASP B 111 0.76 -16.38 14.18
C ASP B 111 0.72 -16.92 12.75
N GLN B 112 1.05 -18.20 12.55
CA GLN B 112 0.87 -18.84 11.25
C GLN B 112 -0.56 -18.67 10.76
N VAL B 113 -1.54 -18.92 11.62
CA VAL B 113 -2.94 -18.77 11.20
C VAL B 113 -3.23 -17.31 10.88
N THR B 114 -2.75 -16.40 11.72
CA THR B 114 -3.00 -14.98 11.50
C THR B 114 -2.41 -14.49 10.17
N LEU B 115 -1.17 -14.88 9.87
CA LEU B 115 -0.51 -14.42 8.66
C LEU B 115 -1.22 -14.94 7.43
N LEU B 116 -1.64 -16.22 7.46
CA LEU B 116 -2.37 -16.73 6.31
C LEU B 116 -3.72 -16.05 6.16
N LYS B 117 -4.42 -15.83 7.28
CA LYS B 117 -5.74 -15.21 7.25
C LYS B 117 -5.73 -13.85 6.56
N TYR B 118 -4.75 -13.01 6.87
CA TYR B 118 -4.70 -11.63 6.42
C TYR B 118 -3.88 -11.47 5.15
N GLY B 119 -3.26 -12.55 4.67
CA GLY B 119 -2.46 -12.46 3.47
C GLY B 119 -3.12 -13.04 2.23
N VAL B 120 -4.05 -13.98 2.43
CA VAL B 120 -4.52 -14.75 1.28
C VAL B 120 -5.18 -13.84 0.26
N HIS B 121 -5.87 -12.80 0.72
CA HIS B 121 -6.51 -11.90 -0.24
C HIS B 121 -5.47 -11.21 -1.11
N GLU B 122 -4.37 -10.73 -0.53
CA GLU B 122 -3.34 -10.09 -1.33
C GLU B 122 -2.69 -11.08 -2.28
N ILE B 123 -2.52 -12.32 -1.83
CA ILE B 123 -1.84 -13.29 -2.70
C ILE B 123 -2.76 -13.75 -3.82
N ILE B 124 -4.04 -13.95 -3.53
CA ILE B 124 -4.96 -14.40 -4.56
C ILE B 124 -5.01 -13.37 -5.68
N TYR B 125 -5.09 -12.07 -5.33
CA TYR B 125 -5.05 -11.03 -6.34
C TYR B 125 -3.76 -11.10 -7.15
N THR B 126 -2.62 -11.19 -6.46
CA THR B 126 -1.34 -11.25 -7.15
C THR B 126 -1.35 -12.39 -8.16
N MET B 127 -1.77 -13.56 -7.73
CA MET B 127 -1.66 -14.72 -8.59
C MET B 127 -2.75 -14.75 -9.65
N LEU B 128 -3.88 -14.09 -9.38
CA LEU B 128 -4.92 -13.94 -10.39
C LEU B 128 -4.39 -13.22 -11.64
N ALA B 129 -3.48 -12.26 -11.46
CA ALA B 129 -2.91 -11.55 -12.60
C ALA B 129 -2.17 -12.50 -13.52
N SER B 130 -1.60 -13.58 -12.97
CA SER B 130 -0.90 -14.56 -13.78
C SER B 130 -1.80 -15.19 -14.82
N LEU B 131 -3.10 -15.31 -14.52
CA LEU B 131 -4.08 -15.95 -15.36
C LEU B 131 -4.85 -14.96 -16.22
N MET B 132 -4.44 -13.69 -16.20
CA MET B 132 -5.19 -12.62 -16.82
C MET B 132 -4.34 -11.91 -17.85
N ASN B 133 -5.00 -11.48 -18.93
CA ASN B 133 -4.50 -10.37 -19.73
C ASN B 133 -5.63 -9.38 -19.89
N LYS B 134 -5.47 -8.40 -20.79
CA LYS B 134 -6.48 -7.35 -20.90
C LYS B 134 -7.79 -7.87 -21.47
N ASP B 135 -7.83 -9.08 -22.01
CA ASP B 135 -9.02 -9.60 -22.68
C ASP B 135 -9.77 -10.68 -21.93
N GLY B 136 -9.18 -11.29 -20.88
CA GLY B 136 -9.93 -12.22 -20.06
C GLY B 136 -9.03 -13.00 -19.11
N VAL B 137 -9.58 -14.10 -18.57
CA VAL B 137 -8.94 -14.84 -17.49
C VAL B 137 -9.08 -16.34 -17.76
N LEU B 138 -7.99 -17.07 -17.55
CA LEU B 138 -8.03 -18.52 -17.60
C LEU B 138 -8.79 -19.06 -16.39
N ILE B 139 -9.53 -20.15 -16.60
CA ILE B 139 -10.18 -20.88 -15.52
C ILE B 139 -9.92 -22.37 -15.72
N SER B 140 -10.24 -23.15 -14.68
CA SER B 140 -10.09 -24.61 -14.65
C SER B 140 -8.74 -25.06 -15.22
N GLU B 141 -7.68 -24.56 -14.60
CA GLU B 141 -6.33 -24.97 -14.94
C GLU B 141 -6.02 -24.71 -16.41
N GLY B 142 -6.58 -23.64 -16.97
CA GLY B 142 -6.28 -23.25 -18.32
C GLY B 142 -7.15 -23.88 -19.37
N GLN B 143 -8.19 -24.62 -18.97
CA GLN B 143 -9.05 -25.28 -19.94
C GLN B 143 -10.07 -24.33 -20.52
N GLY B 144 -10.43 -23.28 -19.79
CA GLY B 144 -11.37 -22.29 -20.26
C GLY B 144 -10.72 -20.91 -20.25
N PHE B 145 -11.38 -19.98 -20.95
CA PHE B 145 -10.97 -18.59 -20.99
C PHE B 145 -12.26 -17.77 -21.00
N MET B 146 -12.49 -17.00 -19.95
CA MET B 146 -13.70 -16.18 -19.81
C MET B 146 -13.31 -14.73 -20.09
N THR B 147 -14.02 -14.09 -21.03
CA THR B 147 -13.59 -12.79 -21.51
C THR B 147 -13.89 -11.71 -20.48
N ARG B 148 -13.04 -10.67 -20.51
CA ARG B 148 -13.27 -9.48 -19.71
C ARG B 148 -14.61 -8.85 -20.00
N GLU B 149 -14.99 -8.76 -21.29
CA GLU B 149 -16.22 -8.06 -21.63
C GLU B 149 -17.42 -8.80 -21.08
N PHE B 150 -17.44 -10.12 -21.20
CA PHE B 150 -18.54 -10.87 -20.63
C PHE B 150 -18.65 -10.68 -19.11
N LEU B 151 -17.51 -10.69 -18.41
CA LEU B 151 -17.53 -10.50 -16.96
C LEU B 151 -17.98 -9.09 -16.60
N LYS B 152 -17.45 -8.08 -17.30
CA LYS B 152 -17.77 -6.68 -17.03
C LYS B 152 -19.21 -6.35 -17.35
N SER B 153 -19.83 -7.10 -18.23
CA SER B 153 -21.19 -6.82 -18.67
C SER B 153 -22.24 -7.48 -17.79
N LEU B 154 -21.82 -8.21 -16.76
CA LEU B 154 -22.77 -8.82 -15.85
C LEU B 154 -23.55 -7.74 -15.10
N ARG B 155 -24.75 -8.09 -14.68
CA ARG B 155 -25.73 -7.12 -14.23
C ARG B 155 -25.40 -6.60 -12.83
N LYS B 156 -26.12 -5.54 -12.43
CA LYS B 156 -26.25 -4.92 -11.12
C LYS B 156 -24.85 -4.73 -10.54
N PRO B 157 -24.42 -5.30 -9.39
CA PRO B 157 -23.05 -4.98 -8.96
C PRO B 157 -22.01 -5.99 -9.42
N PHE B 158 -22.43 -7.11 -10.02
CA PHE B 158 -21.47 -8.18 -10.29
C PHE B 158 -20.48 -7.77 -11.37
N GLY B 159 -20.95 -7.07 -12.40
CA GLY B 159 -20.05 -6.58 -13.43
C GLY B 159 -18.95 -5.71 -12.86
N ASP B 160 -19.33 -4.75 -12.01
CA ASP B 160 -18.37 -3.84 -11.39
C ASP B 160 -17.54 -4.50 -10.30
N PHE B 161 -17.87 -5.75 -9.94
CA PHE B 161 -17.04 -6.52 -9.03
C PHE B 161 -15.92 -7.23 -9.76
N MET B 162 -16.17 -7.63 -11.01
CA MET B 162 -15.19 -8.35 -11.82
C MET B 162 -14.11 -7.41 -12.35
N GLU B 163 -14.52 -6.25 -12.87
CA GLU B 163 -13.62 -5.41 -13.65
C GLU B 163 -12.43 -4.86 -12.86
N PRO B 164 -12.54 -4.44 -11.58
CA PRO B 164 -11.34 -3.97 -10.87
C PRO B 164 -10.20 -4.97 -10.83
N LYS B 165 -10.48 -6.28 -10.81
CA LYS B 165 -9.42 -7.29 -10.86
C LYS B 165 -8.60 -7.17 -12.15
N PHE B 166 -9.28 -7.05 -13.30
CA PHE B 166 -8.58 -6.87 -14.58
C PHE B 166 -7.75 -5.57 -14.56
N GLU B 167 -8.32 -4.47 -14.05
CA GLU B 167 -7.55 -3.23 -14.01
C GLU B 167 -6.26 -3.40 -13.21
N PHE B 168 -6.32 -4.05 -12.05
CA PHE B 168 -5.10 -4.32 -11.31
C PHE B 168 -4.18 -5.25 -12.10
N ALA B 169 -4.72 -6.36 -12.60
CA ALA B 169 -3.90 -7.35 -13.29
C ALA B 169 -3.11 -6.74 -14.44
N VAL B 170 -3.76 -5.90 -15.24
CA VAL B 170 -3.10 -5.28 -16.40
C VAL B 170 -1.90 -4.44 -15.95
N LYS B 171 -2.10 -3.63 -14.91
CA LYS B 171 -0.99 -2.85 -14.36
C LYS B 171 0.09 -3.74 -13.74
N PHE B 172 -0.30 -4.79 -13.01
CA PHE B 172 0.70 -5.64 -12.38
C PHE B 172 1.52 -6.39 -13.43
N ASN B 173 0.86 -6.90 -14.48
CA ASN B 173 1.54 -7.67 -15.50
C ASN B 173 2.54 -6.85 -16.30
N ALA B 174 2.40 -5.52 -16.32
CA ALA B 174 3.40 -4.71 -17.00
C ALA B 174 4.79 -4.84 -16.35
N LEU B 175 4.87 -5.26 -15.09
CA LEU B 175 6.17 -5.54 -14.50
C LEU B 175 6.82 -6.77 -15.13
N GLU B 176 6.04 -7.62 -15.79
CA GLU B 176 6.56 -8.79 -16.51
C GLU B 176 7.36 -9.70 -15.59
N LEU B 177 6.80 -10.00 -14.43
CA LEU B 177 7.42 -10.94 -13.51
C LEU B 177 7.24 -12.37 -14.04
N ASP B 178 8.21 -13.23 -13.74
CA ASP B 178 8.02 -14.65 -13.98
C ASP B 178 7.83 -15.39 -12.66
N ASP B 179 7.67 -16.71 -12.76
CA ASP B 179 7.34 -17.52 -11.58
C ASP B 179 8.48 -17.48 -10.56
N SER B 180 9.74 -17.48 -11.01
CA SER B 180 10.82 -17.41 -10.04
C SER B 180 10.82 -16.09 -9.27
N ASP B 181 10.35 -14.99 -9.89
CA ASP B 181 10.15 -13.75 -9.14
C ASP B 181 8.98 -13.87 -8.18
N LEU B 182 7.85 -14.35 -8.68
CA LEU B 182 6.61 -14.37 -7.92
C LEU B 182 6.70 -15.27 -6.68
N ALA B 183 7.45 -16.36 -6.77
CA ALA B 183 7.59 -17.25 -5.62
C ALA B 183 8.17 -16.51 -4.42
N ILE B 184 9.18 -15.67 -4.64
CA ILE B 184 9.70 -14.89 -3.51
C ILE B 184 8.72 -13.78 -3.11
N PHE B 185 8.12 -13.11 -4.09
CA PHE B 185 7.19 -12.02 -3.79
C PHE B 185 6.05 -12.51 -2.90
N ILE B 186 5.43 -13.63 -3.27
CA ILE B 186 4.33 -14.19 -2.51
C ILE B 186 4.77 -14.50 -1.08
N ALA B 187 5.98 -15.01 -0.93
CA ALA B 187 6.52 -15.31 0.40
C ALA B 187 6.67 -14.04 1.22
N VAL B 188 7.16 -12.96 0.60
CA VAL B 188 7.28 -11.68 1.29
C VAL B 188 5.93 -11.22 1.81
N ILE B 189 4.88 -11.35 0.98
CA ILE B 189 3.55 -10.95 1.43
C ILE B 189 3.15 -11.74 2.65
N ILE B 190 3.38 -13.06 2.64
CA ILE B 190 2.90 -13.90 3.72
C ILE B 190 3.55 -13.47 5.02
N LEU B 191 4.85 -13.22 5.00
CA LEU B 191 5.61 -12.88 6.19
C LEU B 191 5.52 -11.40 6.52
N SER B 192 4.30 -10.86 6.60
CA SER B 192 4.07 -9.46 6.92
C SER B 192 3.97 -9.26 8.44
N GLY B 193 4.93 -8.53 9.02
CA GLY B 193 4.91 -8.35 10.47
C GLY B 193 3.82 -7.42 10.99
N ASP B 194 3.13 -6.66 10.14
CA ASP B 194 2.14 -5.70 10.62
C ASP B 194 0.71 -6.25 10.63
N ARG B 195 0.53 -7.55 10.45
CA ARG B 195 -0.84 -8.07 10.49
C ARG B 195 -1.40 -7.91 11.91
N PRO B 196 -2.69 -7.57 12.03
CA PRO B 196 -3.30 -7.42 13.36
C PRO B 196 -3.24 -8.72 14.16
N GLY B 197 -2.94 -8.59 15.44
CA GLY B 197 -3.08 -9.70 16.38
C GLY B 197 -1.90 -10.62 16.45
N LEU B 198 -0.79 -10.28 15.80
CA LEU B 198 0.37 -11.15 15.85
C LEU B 198 0.95 -11.15 17.26
N LEU B 199 1.39 -12.31 17.70
CA LEU B 199 1.94 -12.43 19.04
C LEU B 199 3.43 -12.13 19.10
N ASN B 200 4.18 -12.48 18.04
CA ASN B 200 5.64 -12.48 18.10
C ASN B 200 6.16 -12.00 16.75
N VAL B 201 6.15 -10.67 16.57
CA VAL B 201 6.51 -10.05 15.30
C VAL B 201 7.97 -10.26 14.92
N LYS B 202 8.87 -10.36 15.89
CA LYS B 202 10.29 -10.33 15.55
C LYS B 202 10.70 -11.44 14.58
N PRO B 203 10.41 -12.73 14.83
CA PRO B 203 10.83 -13.76 13.88
C PRO B 203 10.13 -13.64 12.53
N ILE B 204 8.93 -13.08 12.48
CA ILE B 204 8.24 -12.85 11.21
C ILE B 204 9.00 -11.82 10.38
N GLU B 205 9.40 -10.72 10.99
CA GLU B 205 10.18 -9.73 10.25
C GLU B 205 11.58 -10.23 9.94
N ASP B 206 12.15 -11.08 10.78
CA ASP B 206 13.48 -11.62 10.47
C ASP B 206 13.41 -12.46 9.20
N ILE B 207 12.35 -13.24 9.04
CA ILE B 207 12.21 -14.04 7.83
C ILE B 207 11.97 -13.14 6.63
N GLN B 208 11.06 -12.17 6.77
CA GLN B 208 10.78 -11.27 5.67
C GLN B 208 12.04 -10.54 5.25
N ASP B 209 12.90 -10.17 6.21
CA ASP B 209 14.16 -9.54 5.82
C ASP B 209 15.00 -10.45 4.93
N ASN B 210 15.01 -11.76 5.20
CA ASN B 210 15.75 -12.66 4.31
C ASN B 210 15.07 -12.78 2.95
N LEU B 211 13.75 -12.94 2.94
CA LEU B 211 13.03 -13.03 1.68
C LEU B 211 13.20 -11.77 0.85
N LEU B 212 13.15 -10.59 1.48
CA LEU B 212 13.36 -9.35 0.74
C LEU B 212 14.74 -9.32 0.12
N GLN B 213 15.76 -9.74 0.87
CA GLN B 213 17.10 -9.86 0.30
C GLN B 213 17.11 -10.76 -0.92
N ALA B 214 16.45 -11.90 -0.83
CA ALA B 214 16.45 -12.84 -1.95
C ALA B 214 15.71 -12.25 -3.15
N LEU B 215 14.61 -11.55 -2.88
CA LEU B 215 13.84 -10.94 -3.96
C LEU B 215 14.66 -9.86 -4.66
N GLU B 216 15.32 -9.00 -3.89
CA GLU B 216 16.17 -7.96 -4.48
C GLU B 216 17.23 -8.59 -5.40
N LEU B 217 17.94 -9.60 -4.90
CA LEU B 217 18.97 -10.23 -5.72
C LEU B 217 18.35 -10.94 -6.91
N GLN B 218 17.23 -11.64 -6.70
CA GLN B 218 16.57 -12.34 -7.79
C GLN B 218 16.24 -11.37 -8.93
N LEU B 219 15.64 -10.22 -8.59
CA LEU B 219 15.21 -9.26 -9.60
C LEU B 219 16.41 -8.62 -10.32
N LYS B 220 17.50 -8.32 -9.60
CA LYS B 220 18.67 -7.77 -10.27
C LYS B 220 19.24 -8.76 -11.29
N LEU B 221 19.30 -10.04 -10.94
CA LEU B 221 19.86 -11.03 -11.85
C LEU B 221 18.89 -11.37 -12.99
N ASN B 222 17.60 -11.43 -12.69
CA ASN B 222 16.62 -11.89 -13.66
C ASN B 222 16.14 -10.76 -14.57
N HIS B 223 16.34 -9.51 -14.14
CA HIS B 223 15.87 -8.31 -14.84
C HIS B 223 16.93 -7.23 -14.70
N PRO B 224 18.15 -7.49 -15.18
CA PRO B 224 19.25 -6.54 -14.92
C PRO B 224 19.03 -5.21 -15.59
N GLU B 225 18.18 -5.16 -16.61
CA GLU B 225 17.89 -3.98 -17.39
C GLU B 225 16.71 -3.18 -16.85
N SER B 226 16.02 -3.68 -15.84
CA SER B 226 14.80 -3.07 -15.32
C SER B 226 15.18 -2.38 -14.03
N SER B 227 15.48 -1.08 -14.12
CA SER B 227 16.03 -0.37 -12.99
C SER B 227 14.97 -0.18 -11.90
N GLN B 228 15.40 -0.41 -10.65
CA GLN B 228 14.55 -0.23 -9.48
C GLN B 228 13.25 -1.05 -9.59
N LEU B 229 13.32 -2.21 -10.22
CA LEU B 229 12.16 -3.10 -10.26
C LEU B 229 11.78 -3.56 -8.86
N PHE B 230 12.78 -3.81 -8.01
CA PHE B 230 12.52 -4.14 -6.61
C PHE B 230 11.61 -3.08 -5.97
N ALA B 231 12.05 -1.82 -6.01
CA ALA B 231 11.22 -0.74 -5.46
C ALA B 231 9.83 -0.72 -6.09
N LYS B 232 9.73 -0.90 -7.41
CA LYS B 232 8.44 -0.84 -8.09
C LYS B 232 7.52 -1.98 -7.66
N LEU B 233 8.10 -3.17 -7.46
CA LEU B 233 7.33 -4.31 -6.97
C LEU B 233 6.82 -4.05 -5.55
N LEU B 234 7.67 -3.51 -4.67
CA LEU B 234 7.19 -3.22 -3.31
C LEU B 234 6.12 -2.15 -3.33
N GLN B 235 6.20 -1.19 -4.26
CA GLN B 235 5.14 -0.18 -4.37
C GLN B 235 3.80 -0.78 -4.79
N LYS B 236 3.81 -1.97 -5.41
CA LYS B 236 2.55 -2.64 -5.74
C LYS B 236 1.85 -3.17 -4.48
N MET B 237 2.56 -3.38 -3.38
CA MET B 237 1.82 -3.69 -2.16
C MET B 237 0.88 -2.58 -1.75
N THR B 238 1.12 -1.34 -2.17
CA THR B 238 0.11 -0.31 -2.01
C THR B 238 -1.14 -0.66 -2.83
N ASP B 239 -0.97 -0.93 -4.12
CA ASP B 239 -2.12 -1.29 -4.95
C ASP B 239 -2.84 -2.53 -4.43
N LEU B 240 -2.13 -3.43 -3.74
CA LEU B 240 -2.75 -4.65 -3.24
C LEU B 240 -3.60 -4.38 -2.01
N ARG B 241 -3.03 -3.71 -1.01
CA ARG B 241 -3.79 -3.38 0.20
C ARG B 241 -5.04 -2.58 -0.14
N GLN B 242 -4.90 -1.61 -1.03
CA GLN B 242 -6.02 -0.77 -1.44
C GLN B 242 -7.16 -1.60 -2.03
N ILE B 243 -6.85 -2.45 -3.02
CA ILE B 243 -7.93 -3.15 -3.71
C ILE B 243 -8.53 -4.22 -2.81
N VAL B 244 -7.72 -4.87 -1.97
CA VAL B 244 -8.29 -5.82 -0.99
C VAL B 244 -9.28 -5.10 -0.09
N THR B 245 -8.94 -3.89 0.34
CA THR B 245 -9.87 -3.10 1.13
C THR B 245 -11.14 -2.79 0.34
N GLU B 246 -10.99 -2.34 -0.91
CA GLU B 246 -12.16 -2.09 -1.74
C GLU B 246 -12.98 -3.36 -1.91
N HIS B 247 -12.29 -4.48 -2.11
CA HIS B 247 -12.95 -5.75 -2.32
C HIS B 247 -13.88 -6.08 -1.14
N VAL B 248 -13.39 -5.92 0.09
CA VAL B 248 -14.20 -6.21 1.28
C VAL B 248 -15.47 -5.36 1.27
N GLN B 249 -15.35 -4.06 1.00
CA GLN B 249 -16.53 -3.18 0.96
C GLN B 249 -17.49 -3.61 -0.15
N LEU B 250 -16.97 -4.07 -1.29
CA LEU B 250 -17.88 -4.51 -2.35
C LEU B 250 -18.65 -5.76 -1.94
N LEU B 251 -17.97 -6.71 -1.26
CA LEU B 251 -18.67 -7.91 -0.81
C LEU B 251 -19.80 -7.56 0.16
N GLN B 252 -19.60 -6.61 1.08
CA GLN B 252 -20.65 -6.33 2.05
C GLN B 252 -21.87 -5.74 1.36
N VAL B 253 -21.66 -4.87 0.37
CA VAL B 253 -22.79 -4.33 -0.37
C VAL B 253 -23.55 -5.45 -1.07
N ILE B 254 -22.83 -6.45 -1.59
CA ILE B 254 -23.51 -7.57 -2.24
C ILE B 254 -24.30 -8.37 -1.22
N LYS B 255 -23.69 -8.65 -0.06
CA LYS B 255 -24.38 -9.44 0.96
C LYS B 255 -25.66 -8.77 1.45
N LYS B 256 -25.64 -7.45 1.63
CA LYS B 256 -26.76 -6.75 2.24
C LYS B 256 -27.90 -6.40 1.28
N THR B 257 -27.72 -6.54 -0.03
CA THR B 257 -28.75 -6.22 -1.00
C THR B 257 -29.34 -7.41 -1.75
N GLU B 258 -28.66 -8.54 -1.78
CA GLU B 258 -28.95 -9.65 -2.68
C GLU B 258 -29.65 -10.75 -1.89
N THR B 259 -30.97 -10.89 -2.09
CA THR B 259 -31.75 -11.94 -1.46
C THR B 259 -31.60 -13.31 -2.13
N ASP B 260 -30.98 -13.38 -3.31
CA ASP B 260 -30.81 -14.61 -4.07
C ASP B 260 -29.49 -15.35 -3.78
N MET B 261 -28.78 -15.05 -2.70
CA MET B 261 -27.48 -15.68 -2.44
C MET B 261 -27.58 -16.86 -1.48
N SER B 262 -28.77 -17.43 -1.29
CA SER B 262 -28.87 -18.54 -0.35
C SER B 262 -28.18 -19.78 -0.90
N LEU B 263 -27.32 -20.36 -0.07
CA LEU B 263 -26.64 -21.63 -0.30
C LEU B 263 -26.94 -22.54 0.88
N HIS B 264 -26.71 -23.84 0.68
CA HIS B 264 -26.73 -24.77 1.80
C HIS B 264 -25.84 -24.22 2.93
N PRO B 265 -26.29 -24.26 4.18
CA PRO B 265 -25.49 -23.69 5.29
C PRO B 265 -24.08 -24.27 5.42
N LEU B 266 -23.92 -25.56 5.13
CA LEU B 266 -22.58 -26.16 5.11
C LEU B 266 -21.68 -25.46 4.10
N LEU B 267 -22.23 -25.19 2.90
CA LEU B 267 -21.46 -24.48 1.89
C LEU B 267 -21.11 -23.08 2.36
N GLN B 268 -22.11 -22.36 2.89
CA GLN B 268 -21.86 -21.04 3.47
C GLN B 268 -20.74 -21.10 4.49
N GLU B 269 -20.73 -22.15 5.32
CA GLU B 269 -19.66 -22.33 6.28
C GLU B 269 -18.30 -22.46 5.58
N ILE B 270 -18.23 -23.29 4.53
CA ILE B 270 -16.96 -23.47 3.83
C ILE B 270 -16.44 -22.14 3.30
N TYR B 271 -17.33 -21.37 2.64
CA TYR B 271 -17.06 -20.07 2.02
C TYR B 271 -17.00 -18.91 3.03
N LYS B 272 -17.17 -19.18 4.32
CA LYS B 272 -17.40 -18.12 5.31
C LYS B 272 -16.38 -16.99 5.26
N ASP B 273 -15.12 -17.26 4.95
CA ASP B 273 -14.13 -16.19 5.04
C ASP B 273 -13.95 -15.51 3.68
N1 A1IRG C . -2.79 18.29 10.51
C1 A1IRG C . 3.30 20.65 10.71
C2 A1IRG C . 1.92 20.09 10.94
C3 A1IRG C . 1.31 19.34 9.94
O1 A1IRG C . 3.96 20.21 9.71
N2 A1IRG C . -3.87 17.55 10.95
C4 A1IRG C . 0.05 18.81 10.15
C5 A1IRG C . -0.63 19.04 11.34
C6 A1IRG C . -1.94 18.37 11.52
C7 A1IRG C . -4.95 17.28 10.11
C8 A1IRG C . -4.71 17.46 8.64
C9 A1IRG C . -3.69 16.73 8.05
C10 A1IRG C . -3.42 16.84 6.70
C11 A1IRG C . -4.20 17.69 5.92
O2 A1IRG C . 3.73 21.47 11.57
C12 A1IRG C . -5.22 18.41 6.49
C13 A1IRG C . -5.48 18.32 7.86
C14 A1IRG C . -6.63 19.10 8.43
C15 A1IRG C . -3.66 17.07 12.24
C16 A1IRG C . -4.41 16.26 13.08
C17 A1IRG C . -3.89 15.95 14.32
C18 A1IRG C . -2.65 16.45 14.69
C19 A1IRG C . -1.89 17.28 13.88
C20 A1IRG C . -2.41 17.58 12.61
C21 A1IRG C . 0.00 19.77 12.34
O3 A1IRG C . -5.98 16.86 10.58
C22 A1IRG C . -0.11 20.82 14.46
C23 A1IRG C . -1.16 21.02 15.50
O4 A1IRG C . -0.69 19.93 13.50
C24 A1IRG C . -1.69 19.96 16.24
C25 A1IRG C . -2.65 20.16 17.21
C26 A1IRG C . -3.14 21.43 17.47
C27 A1IRG C . -2.62 22.46 16.74
C28 A1IRG C . -1.67 22.26 15.77
C29 A1IRG C . -2.08 24.45 15.83
C30 A1IRG C . 1.26 20.31 12.15
O5 A1IRG C . -1.29 23.45 15.17
F1 A1IRG C . -6.35 19.64 9.61
F2 A1IRG C . -7.70 18.35 8.63
F3 A1IRG C . -7.03 20.08 7.61
O6 A1IRG C . -2.92 23.81 16.81
CL1 A1IRG C . -2.69 15.65 9.00
CL2 A1IRG C . -2.01 16.04 16.26
N1 A1IRG D . -11.17 -14.53 -7.31
C1 A1IRG D . -6.93 -18.95 -9.56
C2 A1IRG D . -8.01 -17.94 -9.27
C3 A1IRG D . -7.81 -16.98 -8.29
O1 A1IRG D . -5.76 -18.70 -9.16
N2 A1IRG D . -12.04 -13.46 -7.37
C4 A1IRG D . -8.79 -16.03 -8.06
C5 A1IRG D . -9.98 -16.02 -8.80
C6 A1IRG D . -10.93 -14.92 -8.55
C7 A1IRG D . -12.49 -12.80 -6.22
C8 A1IRG D . -11.67 -12.95 -4.99
C9 A1IRG D . -10.36 -12.48 -5.02
C10 A1IRG D . -9.54 -12.58 -3.91
C11 A1IRG D . -10.05 -13.17 -2.76
O2 A1IRG D . -7.25 -19.97 -10.21
C12 A1IRG D . -11.34 -13.64 -2.72
C13 A1IRG D . -12.17 -13.54 -3.84
C14 A1IRG D . -13.58 -14.05 -3.77
C15 A1IRG D . -12.27 -13.08 -8.68
C16 A1IRG D . -13.01 -12.03 -9.25
C17 A1IRG D . -13.02 -11.92 -10.63
C18 A1IRG D . -12.32 -12.85 -11.40
C19 A1IRG D . -11.59 -13.89 -10.86
C20 A1IRG D . -11.55 -14.00 -9.46
C21 A1IRG D . -10.13 -16.96 -9.84
O3 A1IRG D . -13.47 -12.09 -6.26
C22 A1IRG D . -11.40 -17.99 -11.56
C23 A1IRG D . -12.86 -18.28 -11.78
O4 A1IRG D . -11.29 -16.97 -10.56
C24 A1IRG D . -13.41 -19.45 -11.28
C25 A1IRG D . -14.76 -19.75 -11.43
C26 A1IRG D . -15.61 -18.88 -12.09
C27 A1IRG D . -15.06 -17.72 -12.57
C28 A1IRG D . -13.73 -17.42 -12.42
C29 A1IRG D . -14.66 -15.72 -13.52
C30 A1IRG D . -9.16 -17.91 -10.04
O5 A1IRG D . -13.43 -16.21 -12.99
F1 A1IRG D . -13.78 -14.88 -2.76
F2 A1IRG D . -13.92 -14.72 -4.87
F3 A1IRG D . -14.48 -13.09 -3.63
O6 A1IRG D . -15.69 -16.70 -13.26
CL1 A1IRG D . -9.72 -11.77 -6.47
CL2 A1IRG D . -12.37 -12.68 -13.14
#